data_4HLF
#
_entry.id   4HLF
#
_cell.length_a   91.400
_cell.length_b   97.950
_cell.length_c   118.760
_cell.angle_alpha   90.00
_cell.angle_beta   90.00
_cell.angle_gamma   90.00
#
_symmetry.space_group_name_H-M   'C 2 2 21'
#
loop_
_entity.id
_entity.type
_entity.pdbx_description
1 polymer Tankyrase-2
2 polymer Tankyrase-2
3 non-polymer 'ZINC ION'
4 non-polymer 'SULFATE ION'
5 non-polymer DI(HYDROXYETHYL)ETHER
6 non-polymer 2-(3,4-dihydroxyphenyl)-7-hydroxy-4H-chromen-4-one
7 non-polymer GLYCEROL
8 water water
#
loop_
_entity_poly.entity_id
_entity_poly.type
_entity_poly.pdbx_seq_one_letter_code
_entity_poly.pdbx_strand_id
1 'polypeptide(L)'
;MHHHHHHSSGVDLGTENLYFQSMLNTSGSGTILIDLSPDDKEFQSVEEEMQSTVREHRDGGHAGGIFNRYNILKIQKVCN
KKLWERYTHRRKEVSEENHNHANERMLFHGSPFVNAIIHKGFDERHAYIGGMFGAGIYFAENSSKSNQYVYGIGGGTGCP
VHKDRSCYICHRQLLFCRVTLGKSFLQFSAM
;
A,B
2 'polypeptide(L)' KMAHSPPGHHSVTGRPSVNGLALAEYVIYRGEQAYPEYLITYQIMRPEG C,D
#
loop_
_chem_comp.id
_chem_comp.type
_chem_comp.name
_chem_comp.formula
15Z non-polymer 2-(3,4-dihydroxyphenyl)-7-hydroxy-4H-chromen-4-one 'C15 H10 O5'
GOL non-polymer GLYCEROL 'C3 H8 O3'
PEG non-polymer DI(HYDROXYETHYL)ETHER 'C4 H10 O3'
SO4 non-polymer 'SULFATE ION' 'O4 S -2'
ZN non-polymer 'ZINC ION' 'Zn 2'
#
# COMPACT_ATOMS: atom_id res chain seq x y z
N GLY A 30 -12.81 -7.69 -35.05
CA GLY A 30 -11.62 -8.33 -35.70
C GLY A 30 -10.98 -9.39 -34.80
N THR A 31 -11.49 -9.55 -33.58
CA THR A 31 -10.83 -10.49 -32.69
C THR A 31 -11.42 -11.86 -32.91
N ILE A 32 -10.56 -12.86 -33.02
CA ILE A 32 -11.00 -14.20 -32.86
C ILE A 32 -10.25 -14.90 -31.69
N LEU A 33 -10.95 -15.79 -31.00
CA LEU A 33 -10.41 -16.55 -29.87
C LEU A 33 -10.24 -18.02 -30.27
N ILE A 34 -9.02 -18.54 -30.17
CA ILE A 34 -8.74 -19.97 -30.44
C ILE A 34 -8.50 -20.71 -29.11
N ASP A 35 -9.30 -21.75 -28.85
CA ASP A 35 -9.12 -22.58 -27.68
C ASP A 35 -7.91 -23.42 -27.75
N LEU A 36 -7.15 -23.47 -26.67
CA LEU A 36 -5.98 -24.27 -26.67
C LEU A 36 -6.37 -25.54 -25.96
N SER A 37 -5.87 -26.65 -26.48
CA SER A 37 -6.07 -27.93 -25.86
C SER A 37 -5.21 -28.03 -24.60
N PRO A 38 -5.71 -28.70 -23.55
CA PRO A 38 -4.88 -28.95 -22.39
C PRO A 38 -3.66 -29.85 -22.65
N ASP A 39 -3.66 -30.55 -23.76
CA ASP A 39 -2.50 -31.32 -24.20
C ASP A 39 -1.43 -30.49 -24.88
N ASP A 40 -1.79 -29.27 -25.28
CA ASP A 40 -0.90 -28.37 -26.01
C ASP A 40 0.10 -27.76 -25.02
N LYS A 41 1.37 -27.82 -25.37
CA LYS A 41 2.46 -27.32 -24.51
C LYS A 41 2.28 -25.83 -24.15
N GLU A 42 1.64 -25.08 -25.05
CA GLU A 42 1.36 -23.68 -24.83
C GLU A 42 0.31 -23.52 -23.70
N PHE A 43 -0.69 -24.39 -23.68
CA PHE A 43 -1.70 -24.38 -22.62
C PHE A 43 -0.98 -24.67 -21.32
N GLN A 44 -0.14 -25.70 -21.32
CA GLN A 44 0.56 -26.10 -20.12
C GLN A 44 1.51 -25.03 -19.59
N SER A 45 2.24 -24.33 -20.47
CA SER A 45 3.20 -23.33 -19.96
C SER A 45 2.46 -22.11 -19.39
N VAL A 46 1.33 -21.71 -20.02
CA VAL A 46 0.50 -20.60 -19.50
C VAL A 46 -0.16 -20.99 -18.16
N GLU A 47 -0.72 -22.21 -18.05
CA GLU A 47 -1.26 -22.67 -16.76
C GLU A 47 -0.21 -22.67 -15.67
N GLU A 48 0.97 -23.17 -15.99
CA GLU A 48 2.01 -23.26 -14.97
C GLU A 48 2.38 -21.87 -14.42
N GLU A 49 2.43 -20.87 -15.28
CA GLU A 49 2.71 -19.51 -14.84
C GLU A 49 1.60 -18.97 -13.97
N MET A 50 0.38 -19.30 -14.34
CA MET A 50 -0.77 -18.97 -13.52
C MET A 50 -0.67 -19.55 -12.08
N GLN A 51 -0.47 -20.86 -12.01
CA GLN A 51 -0.49 -21.58 -10.73
C GLN A 51 0.74 -21.22 -9.88
N SER A 52 1.90 -21.13 -10.51
CA SER A 52 3.12 -21.02 -9.75
C SER A 52 3.33 -19.61 -9.23
N THR A 53 2.56 -18.62 -9.69
CA THR A 53 2.74 -17.25 -9.19
C THR A 53 1.63 -16.86 -8.23
N VAL A 54 0.87 -17.82 -7.71
CA VAL A 54 -0.05 -17.55 -6.60
C VAL A 54 0.78 -17.28 -5.31
N ARG A 55 0.35 -16.31 -4.51
CA ARG A 55 0.97 -16.07 -3.21
C ARG A 55 -0.14 -15.73 -2.24
N GLU A 56 0.18 -15.74 -0.94
CA GLU A 56 -0.67 -15.14 0.07
C GLU A 56 -0.62 -13.60 0.01
N HIS A 57 -1.73 -12.97 0.33
CA HIS A 57 -1.84 -11.51 0.29
C HIS A 57 -2.07 -10.96 1.65
N ARG A 58 -1.66 -9.71 1.85
CA ARG A 58 -1.61 -9.12 3.18
C ARG A 58 -3.00 -8.84 3.71
N ASP A 59 -4.00 -8.85 2.83
CA ASP A 59 -5.38 -8.69 3.23
C ASP A 59 -6.10 -9.99 3.70
N GLY A 60 -5.35 -11.08 3.80
CA GLY A 60 -5.91 -12.38 4.25
C GLY A 60 -6.98 -12.94 3.33
N GLY A 61 -7.06 -12.41 2.11
CA GLY A 61 -8.05 -12.86 1.12
C GLY A 61 -9.21 -11.91 0.88
N HIS A 62 -9.22 -10.79 1.58
CA HIS A 62 -10.33 -9.88 1.48
C HIS A 62 -10.69 -9.54 0.04
N ALA A 63 -9.72 -9.09 -0.75
CA ALA A 63 -10.00 -8.54 -2.08
C ALA A 63 -10.27 -9.66 -3.10
N GLY A 64 -9.45 -10.71 -3.06
CA GLY A 64 -9.40 -11.70 -4.10
C GLY A 64 -9.88 -13.09 -3.69
N GLY A 65 -10.09 -13.33 -2.41
CA GLY A 65 -10.54 -14.65 -1.94
C GLY A 65 -9.46 -15.47 -1.30
N ILE A 66 -9.86 -16.57 -0.69
CA ILE A 66 -8.95 -17.45 0.02
C ILE A 66 -8.70 -18.66 -0.87
N PHE A 67 -7.45 -18.88 -1.27
CA PHE A 67 -7.12 -19.96 -2.20
C PHE A 67 -5.61 -20.06 -2.32
N ASN A 68 -5.11 -21.27 -2.58
CA ASN A 68 -3.72 -21.49 -2.89
C ASN A 68 -3.50 -21.85 -4.34
N ARG A 69 -4.59 -22.10 -5.07
CA ARG A 69 -4.48 -22.51 -6.45
C ARG A 69 -5.80 -22.36 -7.17
N TYR A 70 -5.75 -22.52 -8.49
CA TYR A 70 -6.90 -22.36 -9.35
C TYR A 70 -7.33 -23.64 -10.05
N ASN A 71 -8.59 -23.62 -10.49
CA ASN A 71 -9.08 -24.61 -11.42
C ASN A 71 -9.19 -23.94 -12.78
N ILE A 72 -8.30 -24.28 -13.70
CA ILE A 72 -8.29 -23.60 -15.00
C ILE A 72 -9.33 -24.25 -15.89
N LEU A 73 -10.27 -23.47 -16.38
CA LEU A 73 -11.41 -23.96 -17.18
C LEU A 73 -11.15 -23.85 -18.69
N LYS A 74 -10.45 -22.80 -19.11
CA LYS A 74 -10.20 -22.62 -20.52
C LYS A 74 -9.02 -21.66 -20.65
N ILE A 75 -8.20 -21.88 -21.67
CA ILE A 75 -7.18 -20.91 -22.04
C ILE A 75 -7.34 -20.63 -23.53
N GLN A 76 -7.62 -19.38 -23.90
CA GLN A 76 -7.80 -18.98 -25.29
C GLN A 76 -6.72 -17.99 -25.77
N LYS A 77 -6.21 -18.23 -26.97
CA LYS A 77 -5.29 -17.33 -27.65
C LYS A 77 -6.10 -16.20 -28.31
N VAL A 78 -5.71 -14.96 -28.05
CA VAL A 78 -6.41 -13.80 -28.58
C VAL A 78 -5.73 -13.39 -29.87
N CYS A 79 -6.47 -13.36 -30.98
CA CYS A 79 -5.89 -13.01 -32.28
C CYS A 79 -6.61 -11.84 -32.91
N ASN A 80 -5.86 -10.75 -33.08
CA ASN A 80 -6.34 -9.56 -33.73
C ASN A 80 -5.16 -8.86 -34.40
N LYS A 81 -5.22 -8.83 -35.72
CA LYS A 81 -4.15 -8.31 -36.56
C LYS A 81 -3.87 -6.86 -36.25
N LYS A 82 -4.91 -6.07 -36.23
CA LYS A 82 -4.77 -4.66 -36.03
C LYS A 82 -4.18 -4.35 -34.64
N LEU A 83 -4.70 -4.98 -33.59
CA LEU A 83 -4.18 -4.72 -32.26
C LEU A 83 -2.71 -5.15 -32.15
N TRP A 84 -2.37 -6.26 -32.82
CA TRP A 84 -1.00 -6.80 -32.78
C TRP A 84 -0.01 -5.87 -33.47
N GLU A 85 -0.43 -5.30 -34.60
CA GLU A 85 0.44 -4.41 -35.34
C GLU A 85 0.62 -3.09 -34.61
N ARG A 86 -0.44 -2.65 -33.96
CA ARG A 86 -0.41 -1.51 -33.06
C ARG A 86 0.69 -1.77 -32.01
N TYR A 87 0.63 -2.95 -31.39
CA TYR A 87 1.61 -3.34 -30.36
C TYR A 87 3.04 -3.32 -30.92
N THR A 88 3.27 -3.99 -32.05
CA THR A 88 4.64 -4.20 -32.54
C THR A 88 5.24 -2.90 -33.07
N HIS A 89 4.37 -2.01 -33.56
CA HIS A 89 4.81 -0.68 -34.00
C HIS A 89 5.39 0.11 -32.84
N ARG A 90 4.66 0.15 -31.74
CA ARG A 90 5.13 0.85 -30.55
C ARG A 90 6.36 0.14 -29.94
N ARG A 91 6.35 -1.17 -29.98
CA ARG A 91 7.45 -1.93 -29.46
C ARG A 91 8.77 -1.52 -30.16
N LYS A 92 8.71 -1.39 -31.49
CA LYS A 92 9.88 -1.01 -32.27
C LYS A 92 10.31 0.41 -31.89
N GLU A 93 9.36 1.29 -31.62
CA GLU A 93 9.75 2.63 -31.22
C GLU A 93 10.50 2.63 -29.87
N VAL A 94 9.98 1.91 -28.88
CA VAL A 94 10.60 1.80 -27.58
C VAL A 94 11.99 1.22 -27.75
N SER A 95 12.07 0.15 -28.53
CA SER A 95 13.30 -0.56 -28.76
C SER A 95 14.41 0.36 -29.29
N GLU A 96 14.09 1.18 -30.28
CA GLU A 96 15.07 2.08 -30.86
C GLU A 96 15.44 3.21 -29.93
N GLU A 97 14.59 3.51 -28.95
CA GLU A 97 14.92 4.46 -27.88
C GLU A 97 15.73 3.82 -26.73
N ASN A 98 15.95 2.51 -26.77
CA ASN A 98 16.57 1.78 -25.62
C ASN A 98 17.53 0.72 -26.14
N HIS A 99 18.51 1.15 -26.92
CA HIS A 99 19.55 0.26 -27.50
C HIS A 99 19.01 -1.07 -27.95
N ASN A 100 17.95 -1.02 -28.76
CA ASN A 100 17.32 -2.20 -29.35
C ASN A 100 16.87 -3.26 -28.35
N HIS A 101 16.33 -2.81 -27.23
CA HIS A 101 15.84 -3.66 -26.18
C HIS A 101 14.45 -3.22 -25.80
N ALA A 102 13.45 -3.97 -26.24
CA ALA A 102 12.05 -3.74 -25.85
C ALA A 102 11.77 -3.97 -24.36
N ASN A 103 12.58 -4.80 -23.72
CA ASN A 103 12.34 -5.19 -22.34
C ASN A 103 10.88 -5.71 -22.18
N GLU A 104 10.59 -6.73 -22.96
CA GLU A 104 9.24 -7.27 -23.08
C GLU A 104 9.04 -8.38 -22.06
N ARG A 105 7.93 -8.30 -21.35
CA ARG A 105 7.56 -9.32 -20.36
C ARG A 105 6.18 -9.93 -20.65
N MET A 106 5.89 -11.08 -20.02
CA MET A 106 4.55 -11.60 -20.00
C MET A 106 3.99 -11.40 -18.60
N LEU A 107 2.86 -10.71 -18.48
CA LEU A 107 2.37 -10.29 -17.19
C LEU A 107 0.85 -10.41 -17.15
N PHE A 108 0.29 -10.58 -15.95
CA PHE A 108 -1.14 -10.67 -15.78
C PHE A 108 -1.83 -9.33 -15.63
N HIS A 109 -3.09 -9.29 -16.07
CA HIS A 109 -3.96 -8.14 -15.90
C HIS A 109 -5.33 -8.66 -15.60
N GLY A 110 -5.94 -8.18 -14.52
CA GLY A 110 -7.28 -8.59 -14.12
C GLY A 110 -8.23 -7.42 -14.07
N SER A 111 -9.37 -7.51 -14.75
CA SER A 111 -10.38 -6.47 -14.56
C SER A 111 -11.76 -6.90 -14.98
N PRO A 112 -12.76 -6.10 -14.60
CA PRO A 112 -14.10 -6.34 -15.11
C PRO A 112 -14.25 -6.07 -16.60
N PHE A 113 -13.23 -5.52 -17.26
CA PHE A 113 -13.40 -5.12 -18.67
C PHE A 113 -12.56 -5.92 -19.69
N VAL A 114 -12.18 -7.15 -19.31
CA VAL A 114 -11.33 -7.95 -20.19
C VAL A 114 -12.01 -8.24 -21.53
N ASN A 115 -13.33 -8.38 -21.53
CA ASN A 115 -14.02 -8.66 -22.78
C ASN A 115 -14.03 -7.42 -23.70
N ALA A 116 -13.99 -6.18 -23.18
CA ALA A 116 -13.67 -5.00 -24.05
C ALA A 116 -12.18 -4.91 -24.49
N ILE A 117 -11.27 -5.26 -23.58
CA ILE A 117 -9.86 -5.22 -23.92
C ILE A 117 -9.52 -6.11 -25.10
N ILE A 118 -10.04 -7.33 -25.10
CA ILE A 118 -9.68 -8.27 -26.15
C ILE A 118 -10.21 -7.85 -27.53
N HIS A 119 -11.26 -7.02 -27.56
CA HIS A 119 -11.83 -6.52 -28.83
C HIS A 119 -11.27 -5.21 -29.26
N LYS A 120 -11.03 -4.29 -28.34
CA LYS A 120 -10.59 -2.92 -28.71
C LYS A 120 -9.18 -2.56 -28.28
N GLY A 121 -8.51 -3.44 -27.56
CA GLY A 121 -7.16 -3.15 -27.06
C GLY A 121 -7.17 -2.41 -25.74
N PHE A 122 -6.00 -2.33 -25.12
CA PHE A 122 -5.79 -1.45 -23.97
C PHE A 122 -5.83 0.03 -24.40
N ASP A 123 -6.45 0.87 -23.60
CA ASP A 123 -6.35 2.30 -23.76
C ASP A 123 -6.54 3.00 -22.40
N GLU A 124 -6.60 4.33 -22.40
CA GLU A 124 -6.76 5.09 -21.15
C GLU A 124 -7.99 4.75 -20.26
N ARG A 125 -9.01 4.09 -20.81
CA ARG A 125 -10.15 3.64 -20.01
C ARG A 125 -9.87 2.45 -19.12
N HIS A 126 -8.68 1.85 -19.25
CA HIS A 126 -8.27 0.73 -18.38
C HIS A 126 -7.21 1.14 -17.39
N ALA A 127 -7.04 2.48 -17.25
CA ALA A 127 -6.02 3.05 -16.38
C ALA A 127 -6.56 3.07 -14.95
N TYR A 128 -5.73 2.72 -13.99
CA TYR A 128 -6.06 2.78 -12.58
C TYR A 128 -5.72 4.21 -12.14
N ILE A 129 -6.74 5.06 -12.13
CA ILE A 129 -6.55 6.49 -11.85
C ILE A 129 -5.91 6.69 -10.49
N GLY A 130 -6.27 5.86 -9.52
CA GLY A 130 -5.77 6.05 -8.16
C GLY A 130 -4.65 5.11 -7.73
N GLY A 131 -3.92 4.52 -8.66
CA GLY A 131 -2.87 3.59 -8.27
C GLY A 131 -1.64 4.26 -7.66
N MET A 132 -0.87 3.44 -6.95
CA MET A 132 0.36 3.82 -6.22
C MET A 132 1.39 4.54 -7.10
N PHE A 133 1.39 4.22 -8.40
CA PHE A 133 2.42 4.70 -9.33
C PHE A 133 1.78 5.55 -10.40
N GLY A 134 0.65 6.14 -10.09
CA GLY A 134 0.03 7.10 -11.01
C GLY A 134 -1.02 6.47 -11.91
N ALA A 135 -1.63 7.32 -12.73
CA ALA A 135 -2.75 6.94 -13.55
C ALA A 135 -2.24 6.24 -14.79
N GLY A 136 -1.96 4.95 -14.66
CA GLY A 136 -1.58 4.16 -15.84
C GLY A 136 -2.25 2.81 -15.83
N ILE A 137 -1.79 1.94 -16.73
CA ILE A 137 -2.35 0.59 -16.84
C ILE A 137 -1.41 -0.36 -16.11
N TYR A 138 -1.98 -1.14 -15.19
CA TYR A 138 -1.22 -1.92 -14.23
C TYR A 138 -1.17 -3.40 -14.61
N PHE A 139 -0.01 -4.01 -14.36
CA PHE A 139 0.23 -5.43 -14.59
C PHE A 139 0.98 -6.06 -13.41
N ALA A 140 0.80 -7.35 -13.22
CA ALA A 140 1.40 -8.06 -12.08
C ALA A 140 2.13 -9.31 -12.52
N GLU A 141 3.23 -9.62 -11.83
CA GLU A 141 3.89 -10.91 -12.01
C GLU A 141 3.11 -11.96 -11.26
N ASN A 142 2.55 -11.62 -10.10
CA ASN A 142 1.72 -12.58 -9.38
C ASN A 142 0.31 -12.61 -9.97
N SER A 143 -0.09 -13.78 -10.49
CA SER A 143 -1.44 -13.96 -10.95
C SER A 143 -2.49 -13.61 -9.88
N SER A 144 -2.23 -14.01 -8.62
CA SER A 144 -3.10 -13.76 -7.46
C SER A 144 -3.28 -12.27 -7.16
N LYS A 145 -2.28 -11.47 -7.51
CA LYS A 145 -2.43 -10.01 -7.44
C LYS A 145 -3.46 -9.46 -8.43
N SER A 146 -3.32 -9.82 -9.70
CA SER A 146 -4.30 -9.43 -10.72
C SER A 146 -5.69 -10.01 -10.39
N ASN A 147 -5.74 -11.20 -9.80
CA ASN A 147 -7.04 -11.76 -9.35
C ASN A 147 -7.81 -10.84 -8.39
N GLN A 148 -7.09 -10.06 -7.58
CA GLN A 148 -7.72 -9.09 -6.67
C GLN A 148 -8.50 -8.01 -7.42
N TYR A 149 -8.18 -7.77 -8.69
CA TYR A 149 -8.83 -6.69 -9.42
C TYR A 149 -9.91 -7.17 -10.40
N VAL A 150 -10.13 -8.49 -10.46
CA VAL A 150 -11.04 -9.08 -11.45
C VAL A 150 -12.50 -8.59 -11.31
N TYR A 151 -12.93 -8.33 -10.06
CA TYR A 151 -14.30 -7.86 -9.77
C TYR A 151 -14.33 -6.40 -9.39
N GLY A 152 -13.21 -5.74 -9.58
CA GLY A 152 -13.12 -4.32 -9.36
C GLY A 152 -11.95 -4.08 -8.46
N ILE A 153 -11.70 -2.80 -8.20
CA ILE A 153 -10.63 -2.36 -7.32
C ILE A 153 -10.94 -2.89 -5.92
N GLY A 154 -9.96 -3.45 -5.25
CA GLY A 154 -10.20 -4.10 -3.97
C GLY A 154 -11.21 -5.23 -4.04
N GLY A 155 -11.44 -5.78 -5.23
CA GLY A 155 -12.37 -6.87 -5.39
C GLY A 155 -13.82 -6.41 -5.51
N GLY A 156 -14.04 -5.09 -5.47
CA GLY A 156 -15.36 -4.51 -5.62
C GLY A 156 -16.32 -5.08 -4.62
N THR A 157 -17.48 -5.49 -5.11
CA THR A 157 -18.49 -6.18 -4.29
C THR A 157 -18.52 -7.69 -4.52
N GLY A 158 -17.45 -8.24 -5.08
CA GLY A 158 -17.36 -9.69 -5.31
C GLY A 158 -18.03 -10.09 -6.59
N CYS A 159 -18.31 -11.38 -6.75
CA CYS A 159 -18.92 -11.86 -7.99
C CYS A 159 -20.28 -11.24 -8.19
N PRO A 160 -20.69 -11.04 -9.45
CA PRO A 160 -22.02 -10.46 -9.69
C PRO A 160 -23.17 -11.29 -9.16
N VAL A 161 -23.02 -12.60 -9.17
CA VAL A 161 -24.14 -13.47 -8.86
C VAL A 161 -24.35 -13.64 -7.37
N HIS A 162 -23.26 -13.82 -6.62
CA HIS A 162 -23.36 -14.02 -5.15
C HIS A 162 -22.83 -12.89 -4.31
N LYS A 163 -22.25 -11.86 -4.90
CA LYS A 163 -21.61 -10.78 -4.12
C LYS A 163 -20.56 -11.32 -3.15
N ASP A 164 -19.73 -12.25 -3.62
CA ASP A 164 -18.74 -12.93 -2.81
C ASP A 164 -17.34 -12.71 -3.44
N ARG A 165 -16.49 -11.94 -2.79
CA ARG A 165 -15.15 -11.72 -3.30
C ARG A 165 -14.38 -13.03 -3.30
N SER A 166 -14.82 -13.96 -2.47
CA SER A 166 -14.20 -15.28 -2.41
C SER A 166 -15.03 -16.38 -3.07
N CYS A 167 -15.86 -16.04 -4.06
CA CYS A 167 -16.71 -17.07 -4.68
C CYS A 167 -15.90 -18.19 -5.28
N TYR A 168 -16.26 -19.42 -4.90
CA TYR A 168 -15.64 -20.63 -5.47
C TYR A 168 -16.39 -21.23 -6.68
N ILE A 169 -17.54 -20.66 -6.99
CA ILE A 169 -18.44 -21.16 -8.04
C ILE A 169 -18.26 -20.40 -9.37
N CYS A 170 -18.27 -19.08 -9.30
CA CYS A 170 -18.34 -18.23 -10.49
C CYS A 170 -17.00 -18.22 -11.26
N HIS A 171 -17.11 -18.16 -12.58
CA HIS A 171 -15.98 -18.15 -13.50
C HIS A 171 -15.38 -16.78 -13.53
N ARG A 172 -14.07 -16.73 -13.44
CA ARG A 172 -13.32 -15.49 -13.44
C ARG A 172 -12.44 -15.52 -14.66
N GLN A 173 -12.01 -14.33 -15.08
CA GLN A 173 -11.12 -14.20 -16.24
C GLN A 173 -9.94 -13.27 -16.00
N LEU A 174 -8.74 -13.77 -16.29
CA LEU A 174 -7.52 -12.98 -16.32
C LEU A 174 -6.99 -12.91 -17.74
N LEU A 175 -6.26 -11.82 -18.03
CA LEU A 175 -5.40 -11.73 -19.21
C LEU A 175 -3.95 -11.96 -18.89
N PHE A 176 -3.28 -12.76 -19.73
CA PHE A 176 -1.84 -12.95 -19.67
C PHE A 176 -1.28 -12.23 -20.91
N CYS A 177 -0.54 -11.13 -20.70
CA CYS A 177 -0.32 -10.11 -21.70
C CYS A 177 1.16 -9.94 -22.04
N ARG A 178 1.45 -9.60 -23.28
CA ARG A 178 2.80 -9.27 -23.71
C ARG A 178 2.92 -7.78 -23.49
N VAL A 179 3.89 -7.37 -22.64
CA VAL A 179 4.05 -5.95 -22.24
C VAL A 179 5.46 -5.39 -22.54
N THR A 180 5.54 -4.26 -23.22
CA THR A 180 6.84 -3.62 -23.50
C THR A 180 7.12 -2.66 -22.36
N LEU A 181 8.18 -2.91 -21.59
CA LEU A 181 8.54 -1.98 -20.48
C LEU A 181 9.61 -0.94 -20.86
N GLY A 182 10.39 -1.23 -21.89
CA GLY A 182 11.55 -0.39 -22.26
C GLY A 182 12.39 -0.04 -21.05
N LYS A 183 12.79 1.23 -20.95
CA LYS A 183 13.52 1.73 -19.78
C LYS A 183 12.53 1.99 -18.68
N SER A 184 12.61 1.19 -17.62
CA SER A 184 11.56 1.23 -16.58
C SER A 184 12.06 2.01 -15.36
N PHE A 185 11.25 2.92 -14.86
CA PHE A 185 11.58 3.62 -13.62
C PHE A 185 11.37 2.73 -12.40
N LEU A 186 12.44 2.52 -11.64
CA LEU A 186 12.48 1.63 -10.46
C LEU A 186 11.95 2.40 -9.26
N GLN A 187 10.77 1.99 -8.77
CA GLN A 187 10.20 2.54 -7.55
C GLN A 187 10.25 1.50 -6.45
N PHE A 188 11.01 1.75 -5.38
CA PHE A 188 11.02 0.87 -4.21
C PHE A 188 9.77 1.23 -3.45
N SER A 189 9.13 0.25 -2.85
CA SER A 189 7.82 0.55 -2.29
C SER A 189 7.38 -0.48 -1.30
N ALA A 190 6.64 0.00 -0.31
CA ALA A 190 5.99 -0.80 0.73
C ALA A 190 4.53 -1.07 0.34
N MET B 2 -4.97 9.61 -18.27
CA MET B 2 -3.72 8.86 -18.20
C MET B 2 -2.49 9.77 -18.11
N ALA B 3 -1.69 9.59 -17.05
CA ALA B 3 -0.43 10.32 -16.86
C ALA B 3 0.61 9.93 -17.92
N HIS B 4 1.78 10.56 -17.84
CA HIS B 4 2.92 10.21 -18.69
C HIS B 4 3.89 9.39 -17.90
N SER B 5 4.74 8.66 -18.63
CA SER B 5 5.93 8.04 -18.07
C SER B 5 6.79 9.08 -17.33
N PRO B 6 7.55 8.65 -16.33
CA PRO B 6 8.60 9.57 -15.91
C PRO B 6 9.48 10.03 -17.10
N PRO B 7 9.89 11.30 -17.14
CA PRO B 7 10.78 11.72 -18.22
C PRO B 7 11.92 10.75 -18.43
N GLY B 8 12.18 10.37 -19.68
CA GLY B 8 13.28 9.45 -20.00
C GLY B 8 13.03 7.96 -19.75
N HIS B 9 11.78 7.56 -19.52
CA HIS B 9 11.41 6.16 -19.17
C HIS B 9 10.20 5.74 -19.92
N HIS B 10 9.96 4.43 -20.07
CA HIS B 10 8.78 3.96 -20.83
C HIS B 10 7.73 3.24 -20.00
N SER B 11 7.99 3.15 -18.70
CA SER B 11 7.17 2.40 -17.74
C SER B 11 7.71 2.63 -16.32
N VAL B 12 6.95 2.17 -15.32
CA VAL B 12 7.40 2.16 -13.92
C VAL B 12 7.36 0.72 -13.44
N THR B 13 8.33 0.35 -12.62
CA THR B 13 8.38 -0.94 -11.95
C THR B 13 8.18 -0.68 -10.47
N GLY B 14 7.19 -1.30 -9.87
CA GLY B 14 7.01 -1.25 -8.42
C GLY B 14 7.70 -2.42 -7.81
N ARG B 15 8.85 -2.18 -7.19
CA ARG B 15 9.63 -3.25 -6.57
CA ARG B 15 9.63 -3.22 -6.58
C ARG B 15 9.16 -3.37 -5.13
N PRO B 16 8.72 -4.59 -4.74
CA PRO B 16 8.31 -4.79 -3.34
C PRO B 16 9.47 -4.65 -2.37
N SER B 17 9.28 -3.91 -1.26
CA SER B 17 10.34 -3.58 -0.27
C SER B 17 10.03 -4.00 1.19
N VAL B 18 8.99 -4.83 1.38
CA VAL B 18 8.55 -5.25 2.73
C VAL B 18 8.20 -6.75 2.69
N ASN B 19 7.15 -7.08 1.90
CA ASN B 19 6.70 -8.47 1.64
C ASN B 19 7.76 -9.13 0.76
N GLY B 20 8.67 -9.78 1.49
CA GLY B 20 9.66 -10.63 0.90
C GLY B 20 9.14 -11.60 -0.11
N LEU B 21 7.86 -11.98 -0.04
CA LEU B 21 7.36 -12.96 -1.00
C LEU B 21 6.70 -12.33 -2.26
N ALA B 22 6.55 -11.01 -2.30
CA ALA B 22 5.74 -10.37 -3.36
C ALA B 22 6.58 -10.26 -4.60
N LEU B 23 5.96 -10.48 -5.77
CA LEU B 23 6.66 -10.22 -7.03
C LEU B 23 6.36 -8.79 -7.46
N ALA B 24 7.10 -8.31 -8.44
CA ALA B 24 6.94 -7.01 -9.02
C ALA B 24 5.59 -6.76 -9.70
N GLU B 25 5.24 -5.50 -9.72
CA GLU B 25 4.12 -4.97 -10.45
C GLU B 25 4.64 -3.86 -11.36
N TYR B 26 3.93 -3.58 -12.44
CA TYR B 26 4.42 -2.69 -13.49
C TYR B 26 3.32 -1.79 -14.02
N VAL B 27 3.69 -0.59 -14.47
CA VAL B 27 2.72 0.35 -15.00
C VAL B 27 3.22 0.90 -16.33
N ILE B 28 2.34 0.90 -17.35
CA ILE B 28 2.65 1.53 -18.66
C ILE B 28 1.67 2.67 -18.84
N TYR B 29 2.04 3.63 -19.66
CA TYR B 29 1.23 4.84 -19.82
C TYR B 29 0.66 5.01 -21.23
N ARG B 30 0.87 3.97 -22.07
CA ARG B 30 0.39 3.96 -23.45
C ARG B 30 -0.22 2.57 -23.68
N GLY B 31 -1.48 2.53 -24.08
CA GLY B 31 -2.16 1.24 -24.33
C GLY B 31 -1.53 0.36 -25.38
N GLU B 32 -0.78 0.98 -26.30
CA GLU B 32 -0.14 0.25 -27.38
C GLU B 32 1.05 -0.53 -26.89
N GLN B 33 1.45 -0.34 -25.64
CA GLN B 33 2.57 -1.08 -25.05
C GLN B 33 2.19 -2.40 -24.41
N ALA B 34 0.95 -2.86 -24.61
CA ALA B 34 0.56 -4.20 -24.17
C ALA B 34 -0.35 -4.85 -25.19
N TYR B 35 -0.22 -6.15 -25.35
CA TYR B 35 -1.13 -6.94 -26.18
C TYR B 35 -1.71 -8.09 -25.34
N PRO B 36 -3.04 -8.25 -25.37
CA PRO B 36 -3.71 -9.20 -24.50
C PRO B 36 -3.71 -10.57 -25.11
N GLU B 37 -2.63 -11.31 -24.93
CA GLU B 37 -2.36 -12.50 -25.70
C GLU B 37 -3.17 -13.74 -25.34
N TYR B 38 -3.41 -13.96 -24.04
CA TYR B 38 -4.21 -15.11 -23.61
C TYR B 38 -5.33 -14.68 -22.65
N LEU B 39 -6.54 -15.19 -22.92
CA LEU B 39 -7.70 -15.08 -22.02
C LEU B 39 -7.83 -16.41 -21.26
N ILE B 40 -7.68 -16.32 -19.95
CA ILE B 40 -7.70 -17.49 -19.09
C ILE B 40 -8.97 -17.44 -18.23
N THR B 41 -9.80 -18.48 -18.31
CA THR B 41 -11.03 -18.62 -17.54
C THR B 41 -10.80 -19.64 -16.44
N TYR B 42 -11.13 -19.26 -15.22
CA TYR B 42 -10.78 -20.09 -14.08
C TYR B 42 -11.74 -19.91 -12.92
N GLN B 43 -11.58 -20.76 -11.93
CA GLN B 43 -12.15 -20.54 -10.62
C GLN B 43 -11.01 -20.63 -9.60
N ILE B 44 -11.13 -19.88 -8.49
CA ILE B 44 -10.22 -20.08 -7.38
C ILE B 44 -10.73 -21.33 -6.63
N MET B 45 -9.82 -22.07 -6.01
CA MET B 45 -10.20 -23.33 -5.34
C MET B 45 -10.12 -23.18 -3.81
N ARG B 46 -11.16 -23.67 -3.14
CA ARG B 46 -11.22 -23.64 -1.68
C ARG B 46 -10.14 -24.55 -1.13
N PRO B 47 -9.27 -24.03 -0.27
CA PRO B 47 -8.26 -24.94 0.27
C PRO B 47 -8.89 -26.04 1.11
N GLU B 48 -8.17 -27.16 1.23
CA GLU B 48 -8.60 -28.32 2.03
C GLU B 48 -8.79 -27.95 3.48
N GLY C 30 -1.04 -12.79 12.60
CA GLY C 30 -2.52 -12.67 12.74
C GLY C 30 -3.03 -11.35 12.18
N THR C 31 -2.12 -10.53 11.66
CA THR C 31 -2.53 -9.21 11.19
C THR C 31 -3.02 -9.30 9.77
N ILE C 32 -4.16 -8.68 9.49
CA ILE C 32 -4.54 -8.41 8.13
C ILE C 32 -4.73 -6.91 7.92
N LEU C 33 -4.43 -6.49 6.70
CA LEU C 33 -4.51 -5.10 6.27
C LEU C 33 -5.59 -4.99 5.25
N ILE C 34 -6.54 -4.09 5.46
CA ILE C 34 -7.66 -3.92 4.53
C ILE C 34 -7.55 -2.55 3.92
N ASP C 35 -7.43 -2.49 2.59
CA ASP C 35 -7.33 -1.19 1.91
C ASP C 35 -8.60 -0.41 1.97
N LEU C 36 -8.50 0.89 2.16
CA LEU C 36 -9.65 1.74 2.14
C LEU C 36 -9.70 2.43 0.78
N SER C 37 -10.91 2.55 0.24
CA SER C 37 -11.12 3.22 -1.02
C SER C 37 -11.01 4.70 -0.77
N PRO C 38 -10.40 5.42 -1.70
CA PRO C 38 -10.42 6.87 -1.56
C PRO C 38 -11.80 7.47 -1.59
N ASP C 39 -12.80 6.75 -2.12
CA ASP C 39 -14.19 7.22 -2.13
C ASP C 39 -14.89 7.01 -0.80
N ASP C 40 -14.23 6.33 0.12
CA ASP C 40 -14.78 6.03 1.44
C ASP C 40 -14.52 7.26 2.35
N LYS C 41 -15.49 7.60 3.20
CA LYS C 41 -15.35 8.72 4.13
C LYS C 41 -14.29 8.43 5.20
N GLU C 42 -14.10 7.17 5.53
CA GLU C 42 -13.06 6.81 6.46
C GLU C 42 -11.67 7.22 5.92
N PHE C 43 -11.38 6.89 4.66
CA PHE C 43 -10.14 7.28 3.97
C PHE C 43 -10.01 8.78 4.03
N GLN C 44 -11.08 9.46 3.60
CA GLN C 44 -11.05 10.90 3.45
C GLN C 44 -10.76 11.61 4.76
N SER C 45 -11.33 11.07 5.83
CA SER C 45 -11.14 11.59 7.15
C SER C 45 -9.68 11.45 7.63
N VAL C 46 -9.15 10.26 7.44
CA VAL C 46 -7.78 10.03 7.81
C VAL C 46 -6.84 10.91 6.98
N GLU C 47 -7.09 11.00 5.67
CA GLU C 47 -6.28 11.90 4.84
C GLU C 47 -6.33 13.34 5.38
N GLU C 48 -7.53 13.81 5.74
CA GLU C 48 -7.65 15.20 6.18
C GLU C 48 -6.87 15.44 7.52
N GLU C 49 -6.91 14.46 8.40
CA GLU C 49 -6.15 14.52 9.62
C GLU C 49 -4.66 14.63 9.32
N MET C 50 -4.17 13.85 8.35
CA MET C 50 -2.77 14.01 7.86
C MET C 50 -2.44 15.40 7.32
N GLN C 51 -3.22 15.83 6.32
CA GLN C 51 -2.92 17.07 5.59
C GLN C 51 -3.11 18.27 6.49
N SER C 52 -4.13 18.24 7.33
CA SER C 52 -4.43 19.45 8.08
C SER C 52 -3.50 19.66 9.27
N THR C 53 -2.68 18.67 9.63
CA THR C 53 -1.78 18.81 10.78
C THR C 53 -0.32 18.88 10.37
N VAL C 54 -0.05 19.21 9.10
CA VAL C 54 1.31 19.58 8.71
C VAL C 54 1.62 20.99 9.27
N ARG C 55 2.84 21.20 9.75
CA ARG C 55 3.27 22.55 10.10
C ARG C 55 4.71 22.74 9.69
N GLU C 56 5.20 23.95 9.79
CA GLU C 56 6.63 24.23 9.60
C GLU C 56 7.38 23.77 10.81
N HIS C 57 8.59 23.26 10.62
CA HIS C 57 9.45 22.85 11.70
C HIS C 57 10.67 23.74 11.81
N ARG C 58 11.19 23.89 13.02
CA ARG C 58 12.26 24.87 13.28
C ARG C 58 13.62 24.44 12.76
N ASP C 59 13.76 23.17 12.36
CA ASP C 59 14.94 22.73 11.67
C ASP C 59 14.96 23.02 10.16
N GLY C 60 14.02 23.82 9.67
CA GLY C 60 13.93 24.15 8.25
C GLY C 60 13.69 22.96 7.30
N GLY C 61 13.25 21.81 7.84
CA GLY C 61 13.06 20.60 7.03
C GLY C 61 14.21 19.61 7.15
N HIS C 62 15.20 19.92 7.97
CA HIS C 62 16.38 19.06 8.07
C HIS C 62 16.03 17.58 8.24
N ALA C 63 15.23 17.29 9.25
CA ALA C 63 14.90 15.92 9.64
C ALA C 63 13.87 15.24 8.73
N GLY C 64 12.73 15.90 8.47
CA GLY C 64 11.62 15.31 7.71
C GLY C 64 11.45 15.72 6.26
N GLY C 65 12.13 16.79 5.84
CA GLY C 65 11.99 17.31 4.48
C GLY C 65 11.24 18.62 4.38
N ILE C 66 11.28 19.21 3.19
CA ILE C 66 10.61 20.48 2.97
C ILE C 66 9.34 20.17 2.20
N PHE C 67 8.21 20.49 2.82
CA PHE C 67 6.91 20.23 2.22
C PHE C 67 5.81 20.93 3.00
N ASN C 68 4.69 21.17 2.33
CA ASN C 68 3.50 21.70 2.93
C ASN C 68 2.37 20.69 2.94
N ARG C 69 2.51 19.60 2.18
CA ARG C 69 1.46 18.60 2.05
C ARG C 69 1.97 17.27 1.53
N TYR C 70 1.12 16.25 1.65
CA TYR C 70 1.48 14.90 1.27
C TYR C 70 0.72 14.48 0.00
N ASN C 71 1.30 13.55 -0.74
CA ASN C 71 0.53 12.74 -1.67
C ASN C 71 0.22 11.41 -0.95
N ILE C 72 -1.04 11.21 -0.56
CA ILE C 72 -1.47 9.97 0.10
C ILE C 72 -1.66 8.90 -0.96
N LEU C 73 -0.90 7.83 -0.88
CA LEU C 73 -0.95 6.74 -1.84
C LEU C 73 -1.89 5.60 -1.42
N LYS C 74 -2.04 5.37 -0.11
CA LYS C 74 -2.76 4.23 0.41
C LYS C 74 -3.00 4.37 1.94
N ILE C 75 -4.18 3.97 2.37
CA ILE C 75 -4.53 3.91 3.79
C ILE C 75 -5.16 2.57 4.05
N GLN C 76 -4.52 1.78 4.89
CA GLN C 76 -4.98 0.44 5.24
C GLN C 76 -5.44 0.36 6.69
N LYS C 77 -6.58 -0.29 6.93
CA LYS C 77 -7.00 -0.61 8.30
C LYS C 77 -6.17 -1.79 8.81
N VAL C 78 -5.61 -1.67 10.00
CA VAL C 78 -4.81 -2.75 10.56
C VAL C 78 -5.67 -3.62 11.49
N CYS C 79 -5.78 -4.91 11.21
CA CYS C 79 -6.72 -5.75 11.96
C CYS C 79 -5.99 -6.90 12.57
N ASN C 80 -6.03 -6.97 13.89
CA ASN C 80 -5.42 -8.05 14.57
C ASN C 80 -6.17 -8.20 15.88
N LYS C 81 -6.82 -9.36 16.03
CA LYS C 81 -7.75 -9.62 17.14
C LYS C 81 -6.99 -9.70 18.46
N LYS C 82 -5.89 -10.42 18.45
CA LYS C 82 -5.08 -10.54 19.65
C LYS C 82 -4.55 -9.18 20.11
N LEU C 83 -3.94 -8.39 19.21
CA LEU C 83 -3.42 -7.07 19.58
C LEU C 83 -4.56 -6.17 20.03
N TRP C 84 -5.71 -6.28 19.38
CA TRP C 84 -6.86 -5.47 19.76
C TRP C 84 -7.31 -5.80 21.16
N GLU C 85 -7.48 -7.08 21.47
CA GLU C 85 -7.93 -7.45 22.81
C GLU C 85 -6.93 -7.03 23.90
N ARG C 86 -5.64 -7.16 23.61
CA ARG C 86 -4.61 -6.67 24.49
C ARG C 86 -4.74 -5.16 24.78
N TYR C 87 -5.00 -4.38 23.74
CA TYR C 87 -5.29 -2.95 23.86
C TYR C 87 -6.54 -2.68 24.69
N THR C 88 -7.65 -3.36 24.41
CA THR C 88 -8.93 -3.04 25.06
C THR C 88 -8.96 -3.47 26.53
N HIS C 89 -8.20 -4.49 26.88
CA HIS C 89 -8.03 -4.91 28.26
C HIS C 89 -7.24 -3.89 29.04
N ARG C 90 -6.17 -3.39 28.47
CA ARG C 90 -5.42 -2.34 29.13
C ARG C 90 -6.27 -1.05 29.20
N ARG C 91 -7.01 -0.75 28.16
CA ARG C 91 -7.85 0.46 28.18
C ARG C 91 -8.85 0.45 29.36
N LYS C 92 -9.42 -0.73 29.63
CA LYS C 92 -10.40 -0.89 30.70
C LYS C 92 -9.74 -0.65 32.07
N GLU C 93 -8.54 -1.19 32.27
CA GLU C 93 -7.77 -0.94 33.52
C GLU C 93 -7.50 0.52 33.76
N VAL C 94 -6.97 1.19 32.72
CA VAL C 94 -6.66 2.62 32.83
C VAL C 94 -7.96 3.38 33.07
N SER C 95 -9.00 3.03 32.31
CA SER C 95 -10.28 3.72 32.43
C SER C 95 -10.81 3.64 33.88
N GLU C 96 -10.72 2.45 34.47
CA GLU C 96 -11.15 2.25 35.87
C GLU C 96 -10.27 3.01 36.83
N GLU C 97 -8.97 3.00 36.63
CA GLU C 97 -8.08 3.78 37.48
C GLU C 97 -8.28 5.28 37.36
N ASN C 98 -8.75 5.75 36.22
CA ASN C 98 -8.94 7.18 35.99
C ASN C 98 -10.43 7.51 36.03
N HIS C 99 -11.15 6.76 36.87
CA HIS C 99 -12.55 7.07 37.23
C HIS C 99 -13.44 7.10 36.04
N ASN C 100 -13.32 5.98 35.30
CA ASN C 100 -14.10 5.70 34.08
CA ASN C 100 -14.06 5.68 34.09
C ASN C 100 -13.82 6.69 32.94
N HIS C 101 -12.56 6.96 32.64
CA HIS C 101 -12.21 7.87 31.55
C HIS C 101 -10.90 7.44 30.97
N ALA C 102 -10.98 6.71 29.85
CA ALA C 102 -9.82 6.26 29.06
C ALA C 102 -8.94 7.38 28.55
N ASN C 103 -9.53 8.55 28.26
CA ASN C 103 -8.81 9.68 27.66
C ASN C 103 -8.10 9.17 26.38
N GLU C 104 -8.90 8.56 25.51
CA GLU C 104 -8.40 7.89 24.32
C GLU C 104 -8.39 8.87 23.14
N ARG C 105 -7.28 8.89 22.41
CA ARG C 105 -7.03 9.83 21.31
C ARG C 105 -6.62 9.09 20.03
N MET C 106 -6.68 9.77 18.90
CA MET C 106 -6.03 9.27 17.67
C MET C 106 -4.80 10.13 17.39
N LEU C 107 -3.63 9.51 17.29
CA LEU C 107 -2.34 10.20 17.20
C LEU C 107 -1.37 9.53 16.25
N PHE C 108 -0.49 10.30 15.65
CA PHE C 108 0.48 9.76 14.68
C PHE C 108 1.70 9.15 15.34
N HIS C 109 2.32 8.19 14.65
CA HIS C 109 3.58 7.56 15.04
C HIS C 109 4.37 7.21 13.81
N GLY C 110 5.59 7.73 13.71
CA GLY C 110 6.47 7.46 12.58
C GLY C 110 7.70 6.71 13.04
N SER C 111 8.05 5.62 12.40
CA SER C 111 9.29 4.96 12.74
C SER C 111 9.69 3.99 11.66
N PRO C 112 10.99 3.67 11.61
CA PRO C 112 11.44 2.64 10.68
C PRO C 112 10.89 1.23 11.01
N PHE C 113 10.26 1.05 12.15
CA PHE C 113 9.86 -0.28 12.56
C PHE C 113 8.34 -0.51 12.41
N VAL C 114 7.68 0.26 11.54
CA VAL C 114 6.21 0.16 11.47
C VAL C 114 5.74 -1.26 11.05
N ASN C 115 6.59 -1.99 10.31
CA ASN C 115 6.25 -3.37 9.90
C ASN C 115 6.24 -4.29 11.11
N ALA C 116 7.26 -4.18 11.95
CA ALA C 116 7.23 -4.87 13.23
C ALA C 116 6.01 -4.51 14.09
N ILE C 117 5.64 -3.23 14.15
CA ILE C 117 4.53 -2.76 14.98
C ILE C 117 3.18 -3.35 14.57
N ILE C 118 2.88 -3.33 13.29
CA ILE C 118 1.57 -3.81 12.84
C ILE C 118 1.40 -5.32 13.08
N HIS C 119 2.51 -6.06 13.16
CA HIS C 119 2.44 -7.48 13.40
C HIS C 119 2.53 -7.87 14.84
N LYS C 120 3.40 -7.22 15.60
CA LYS C 120 3.63 -7.62 16.98
C LYS C 120 3.16 -6.62 18.02
N GLY C 121 2.71 -5.44 17.58
CA GLY C 121 2.22 -4.42 18.50
C GLY C 121 3.36 -3.57 19.02
N PHE C 122 3.01 -2.53 19.77
CA PHE C 122 4.01 -1.69 20.42
C PHE C 122 4.58 -2.43 21.61
N ASP C 123 5.85 -2.21 21.90
CA ASP C 123 6.48 -2.64 23.16
C ASP C 123 7.79 -1.85 23.43
N GLU C 124 8.51 -2.20 24.49
CA GLU C 124 9.78 -1.51 24.85
C GLU C 124 10.71 -1.24 23.65
N ARG C 125 10.74 -2.14 22.68
CA ARG C 125 11.63 -1.95 21.53
C ARG C 125 11.37 -0.57 20.92
N HIS C 126 10.11 -0.16 20.90
CA HIS C 126 9.68 1.07 20.22
C HIS C 126 9.79 2.36 21.03
N ALA C 127 10.57 2.35 22.13
CA ALA C 127 10.66 3.51 23.05
C ALA C 127 11.82 4.41 22.67
N TYR C 128 11.58 5.71 22.72
CA TYR C 128 12.61 6.70 22.44
C TYR C 128 13.32 6.90 23.75
N ILE C 129 14.47 6.26 23.90
CA ILE C 129 15.19 6.32 25.18
C ILE C 129 15.58 7.75 25.52
N GLY C 130 16.07 8.49 24.54
CA GLY C 130 16.53 9.84 24.80
C GLY C 130 15.49 10.92 24.62
N GLY C 131 14.21 10.55 24.71
CA GLY C 131 13.16 11.55 24.52
C GLY C 131 13.14 12.59 25.63
N MET C 132 12.66 13.78 25.27
CA MET C 132 12.49 14.90 26.20
C MET C 132 11.60 14.61 27.40
N PHE C 133 10.57 13.79 27.23
CA PHE C 133 9.69 13.49 28.35
C PHE C 133 9.93 12.08 28.85
N GLY C 134 11.16 11.61 28.74
CA GLY C 134 11.53 10.29 29.28
C GLY C 134 11.40 9.17 28.29
N ALA C 135 11.78 7.97 28.74
CA ALA C 135 11.84 6.74 27.90
C ALA C 135 10.48 6.06 27.78
N GLY C 136 9.70 6.48 26.82
CA GLY C 136 8.44 5.82 26.50
C GLY C 136 8.21 5.84 25.00
N ILE C 137 6.99 5.49 24.61
CA ILE C 137 6.62 5.46 23.22
C ILE C 137 5.90 6.78 22.93
N TYR C 138 6.37 7.48 21.90
CA TYR C 138 5.98 8.81 21.55
C TYR C 138 4.99 8.85 20.39
N PHE C 139 4.07 9.80 20.48
CA PHE C 139 3.04 10.05 19.50
C PHE C 139 2.91 11.56 19.30
N ALA C 140 2.39 11.97 18.15
CA ALA C 140 2.26 13.39 17.80
C ALA C 140 0.87 13.71 17.27
N GLU C 141 0.37 14.88 17.64
CA GLU C 141 -0.77 15.46 16.97
C GLU C 141 -0.41 16.00 15.56
N ASN C 142 0.80 16.54 15.36
CA ASN C 142 1.21 17.01 14.02
C ASN C 142 1.71 15.81 13.24
N SER C 143 1.08 15.47 12.13
CA SER C 143 1.61 14.40 11.28
C SER C 143 3.07 14.68 10.85
N SER C 144 3.38 15.95 10.62
CA SER C 144 4.71 16.38 10.16
C SER C 144 5.79 16.15 11.23
N LYS C 145 5.40 16.12 12.51
CA LYS C 145 6.33 15.78 13.60
C LYS C 145 6.68 14.29 13.55
N SER C 146 5.69 13.43 13.46
CA SER C 146 5.92 11.99 13.30
C SER C 146 6.69 11.69 12.01
N ASN C 147 6.43 12.46 10.94
CA ASN C 147 7.22 12.33 9.67
C ASN C 147 8.72 12.51 9.88
N GLN C 148 9.10 13.38 10.82
CA GLN C 148 10.55 13.53 11.15
C GLN C 148 11.23 12.26 11.72
N TYR C 149 10.44 11.27 12.17
CA TYR C 149 10.97 10.04 12.76
C TYR C 149 10.85 8.80 11.84
N VAL C 150 10.19 8.96 10.69
CA VAL C 150 9.97 7.87 9.74
C VAL C 150 11.25 7.16 9.33
N TYR C 151 12.30 7.91 9.08
CA TYR C 151 13.58 7.30 8.73
C TYR C 151 14.57 7.17 9.91
N GLY C 152 14.10 7.29 11.16
CA GLY C 152 14.99 7.25 12.32
C GLY C 152 14.98 8.55 13.10
N ILE C 153 15.67 8.56 14.25
CA ILE C 153 15.78 9.76 15.09
C ILE C 153 16.45 10.86 14.28
N GLY C 154 15.89 12.05 14.26
CA GLY C 154 16.49 13.14 13.46
C GLY C 154 16.35 12.94 11.96
N GLY C 155 15.50 11.99 11.55
CA GLY C 155 15.39 11.55 10.17
C GLY C 155 16.49 10.60 9.65
N GLY C 156 17.38 10.16 10.55
CA GLY C 156 18.45 9.25 10.20
C GLY C 156 19.27 9.82 9.07
N THR C 157 19.54 9.00 8.04
CA THR C 157 20.18 9.45 6.79
C THR C 157 19.17 9.49 5.64
N GLY C 158 17.88 9.59 6.00
CA GLY C 158 16.82 9.78 5.03
C GLY C 158 16.50 8.48 4.29
N CYS C 159 15.96 8.57 3.08
CA CYS C 159 15.45 7.38 2.44
C CYS C 159 16.61 6.40 2.18
N PRO C 160 16.30 5.11 2.22
CA PRO C 160 17.28 4.08 1.88
C PRO C 160 17.89 4.22 0.48
N VAL C 161 17.11 4.65 -0.52
CA VAL C 161 17.60 4.67 -1.93
C VAL C 161 18.46 5.89 -2.24
N HIS C 162 18.11 7.05 -1.73
CA HIS C 162 18.83 8.27 -2.10
C HIS C 162 19.55 8.93 -0.95
N LYS C 163 19.41 8.42 0.26
CA LYS C 163 19.93 9.08 1.45
C LYS C 163 19.49 10.55 1.49
N ASP C 164 18.20 10.76 1.26
CA ASP C 164 17.64 12.06 1.18
C ASP C 164 16.48 12.15 2.18
N ARG C 165 16.69 12.94 3.24
CA ARG C 165 15.66 13.14 4.25
C ARG C 165 14.51 13.93 3.65
N SER C 166 14.78 14.62 2.55
CA SER C 166 13.73 15.34 1.87
C SER C 166 13.32 14.65 0.58
N CYS C 167 13.52 13.34 0.47
CA CYS C 167 13.18 12.63 -0.77
C CYS C 167 11.71 12.82 -1.12
N TYR C 168 11.44 13.22 -2.36
CA TYR C 168 10.10 13.32 -2.89
C TYR C 168 9.65 12.09 -3.71
N ILE C 169 10.52 11.11 -3.88
CA ILE C 169 10.27 9.94 -4.72
C ILE C 169 9.85 8.75 -3.85
N CYS C 170 10.59 8.49 -2.78
CA CYS C 170 10.37 7.27 -2.00
C CYS C 170 9.13 7.34 -1.13
N HIS C 171 8.52 6.17 -0.97
CA HIS C 171 7.23 6.01 -0.32
C HIS C 171 7.49 5.90 1.14
N ARG C 172 6.78 6.68 1.94
CA ARG C 172 6.90 6.66 3.39
C ARG C 172 5.67 6.03 4.00
N GLN C 173 5.81 5.56 5.22
CA GLN C 173 4.69 5.04 5.98
C GLN C 173 4.66 5.61 7.38
N LEU C 174 3.46 6.00 7.82
CA LEU C 174 3.18 6.50 9.17
C LEU C 174 2.04 5.63 9.68
N LEU C 175 1.89 5.55 11.01
CA LEU C 175 0.72 4.94 11.65
C LEU C 175 -0.13 6.03 12.27
N PHE C 176 -1.45 5.86 12.19
CA PHE C 176 -2.38 6.70 12.90
C PHE C 176 -3.03 5.73 13.87
N CYS C 177 -2.78 5.99 15.15
CA CYS C 177 -2.99 5.02 16.24
C CYS C 177 -4.01 5.44 17.26
N ARG C 178 -4.70 4.45 17.83
CA ARG C 178 -5.59 4.68 18.92
C ARG C 178 -4.74 4.58 20.21
N VAL C 179 -4.75 5.65 21.02
CA VAL C 179 -3.87 5.78 22.18
C VAL C 179 -4.67 6.12 23.44
N THR C 180 -4.47 5.31 24.48
CA THR C 180 -5.11 5.55 25.79
C THR C 180 -4.19 6.39 26.68
N LEU C 181 -4.61 7.61 26.98
CA LEU C 181 -3.76 8.50 27.80
C LEU C 181 -4.01 8.37 29.30
N GLY C 182 -5.23 7.98 29.66
CA GLY C 182 -5.67 8.03 31.04
C GLY C 182 -5.38 9.38 31.70
N LYS C 183 -4.89 9.32 32.94
CA LYS C 183 -4.46 10.53 33.65
C LYS C 183 -3.13 10.93 33.09
N SER C 184 -3.12 12.03 32.33
CA SER C 184 -1.90 12.43 31.63
C SER C 184 -1.23 13.56 32.41
N PHE C 185 0.09 13.45 32.61
CA PHE C 185 0.84 14.48 33.29
C PHE C 185 1.18 15.58 32.29
N LEU C 186 0.77 16.80 32.58
CA LEU C 186 1.03 17.94 31.69
C LEU C 186 2.46 18.45 31.86
N GLN C 187 3.28 18.34 30.84
CA GLN C 187 4.63 18.92 30.83
C GLN C 187 4.70 20.00 29.77
N PHE C 188 4.80 21.25 30.16
CA PHE C 188 5.04 22.31 29.19
C PHE C 188 6.47 22.16 28.71
N SER C 189 6.71 22.39 27.43
CA SER C 189 8.02 22.23 26.89
C SER C 189 8.48 23.54 26.31
N ALA C 190 9.78 23.70 26.24
CA ALA C 190 10.41 24.92 25.74
C ALA C 190 10.39 25.01 24.20
N MET C 191 9.91 23.96 23.54
CA MET C 191 9.78 23.97 22.08
C MET C 191 8.55 24.79 21.66
N MET D 2 12.40 0.62 29.41
CA MET D 2 11.31 1.65 29.38
C MET D 2 11.03 2.23 30.79
N ALA D 3 10.95 3.57 30.87
CA ALA D 3 10.68 4.30 32.11
C ALA D 3 9.25 4.09 32.59
N HIS D 4 8.97 4.52 33.82
CA HIS D 4 7.64 4.36 34.41
C HIS D 4 6.86 5.62 34.28
N SER D 5 5.55 5.48 34.30
CA SER D 5 4.70 6.65 34.30
C SER D 5 5.00 7.44 35.55
N PRO D 6 4.88 8.77 35.46
CA PRO D 6 4.81 9.62 36.64
C PRO D 6 3.76 9.08 37.64
N PRO D 7 4.11 8.99 38.94
CA PRO D 7 3.18 8.48 39.96
C PRO D 7 1.73 8.97 39.83
N GLY D 8 0.80 8.02 39.81
CA GLY D 8 -0.60 8.31 39.65
C GLY D 8 -0.99 8.78 38.24
N HIS D 9 -0.09 8.61 37.27
CA HIS D 9 -0.38 9.01 35.89
C HIS D 9 -0.16 7.88 34.94
N HIS D 10 -0.78 7.97 33.78
CA HIS D 10 -0.66 6.91 32.77
C HIS D 10 0.06 7.33 31.51
N SER D 11 0.39 8.62 31.41
CA SER D 11 1.04 9.17 30.24
C SER D 11 1.57 10.57 30.55
N VAL D 12 2.33 11.12 29.61
CA VAL D 12 2.74 12.50 29.65
C VAL D 12 2.29 13.21 28.39
N THR D 13 1.72 14.41 28.58
CA THR D 13 1.40 15.36 27.53
C THR D 13 2.53 16.40 27.50
N GLY D 14 3.31 16.38 26.42
CA GLY D 14 4.39 17.34 26.17
C GLY D 14 3.80 18.43 25.32
N ARG D 15 3.64 19.61 25.88
CA ARG D 15 2.93 20.68 25.21
C ARG D 15 3.84 21.85 24.87
N PRO D 16 4.10 22.07 23.58
CA PRO D 16 4.97 23.19 23.24
C PRO D 16 4.43 24.52 23.74
N SER D 17 5.31 25.33 24.32
CA SER D 17 4.93 26.62 24.90
C SER D 17 5.61 27.82 24.21
N VAL D 18 6.54 27.58 23.28
CA VAL D 18 7.12 28.70 22.50
C VAL D 18 6.50 28.78 21.11
N ASN D 19 6.57 27.70 20.34
CA ASN D 19 5.91 27.71 19.05
C ASN D 19 4.38 27.55 19.18
N GLY D 20 3.66 28.65 19.05
CA GLY D 20 2.25 28.60 19.31
C GLY D 20 1.46 27.86 18.24
N LEU D 21 2.12 27.40 17.17
CA LEU D 21 1.48 26.59 16.15
C LEU D 21 1.85 25.12 16.27
N ALA D 22 2.74 24.77 17.20
CA ALA D 22 3.14 23.36 17.41
C ALA D 22 2.13 22.67 18.31
N LEU D 23 1.67 21.49 17.88
CA LEU D 23 0.68 20.72 18.66
C LEU D 23 1.36 19.80 19.68
N ALA D 24 0.58 19.07 20.48
CA ALA D 24 1.18 18.29 21.57
C ALA D 24 1.79 17.01 21.10
N GLU D 25 2.71 16.53 21.93
CA GLU D 25 3.32 15.23 21.77
C GLU D 25 2.99 14.47 23.05
N TYR D 26 2.86 13.15 22.96
CA TYR D 26 2.42 12.31 24.05
C TYR D 26 3.33 11.09 24.23
N VAL D 27 3.43 10.64 25.48
CA VAL D 27 4.29 9.50 25.83
C VAL D 27 3.50 8.54 26.69
N ILE D 28 3.54 7.28 26.28
CA ILE D 28 3.02 6.17 27.08
C ILE D 28 4.18 5.27 27.47
N TYR D 29 4.00 4.55 28.57
CA TYR D 29 5.05 3.72 29.06
C TYR D 29 4.68 2.23 29.03
N ARG D 30 3.54 1.91 28.43
CA ARG D 30 3.10 0.51 28.24
C ARG D 30 2.73 0.35 26.77
N GLY D 31 3.33 -0.59 26.06
CA GLY D 31 2.94 -0.86 24.66
C GLY D 31 1.46 -1.20 24.48
N GLU D 32 0.81 -1.70 25.53
CA GLU D 32 -0.60 -2.07 25.43
C GLU D 32 -1.51 -0.87 25.40
N GLN D 33 -1.01 0.33 25.67
CA GLN D 33 -1.86 1.53 25.65
C GLN D 33 -1.97 2.17 24.30
N ALA D 34 -1.43 1.53 23.26
CA ALA D 34 -1.65 2.00 21.88
C ALA D 34 -2.05 0.85 20.90
N TYR D 35 -2.96 1.13 19.97
CA TYR D 35 -3.25 0.21 18.88
C TYR D 35 -2.97 0.91 17.55
N PRO D 36 -2.17 0.28 16.67
CA PRO D 36 -1.81 0.87 15.40
C PRO D 36 -2.95 0.69 14.39
N GLU D 37 -3.95 1.54 14.45
CA GLU D 37 -5.16 1.31 13.70
C GLU D 37 -5.12 1.53 12.18
N TYR D 38 -4.34 2.50 11.70
CA TYR D 38 -4.24 2.77 10.28
C TYR D 38 -2.79 2.90 9.86
N LEU D 39 -2.45 2.24 8.74
CA LEU D 39 -1.14 2.32 8.14
C LEU D 39 -1.30 3.19 6.90
N ILE D 40 -0.54 4.27 6.86
CA ILE D 40 -0.68 5.27 5.81
C ILE D 40 0.63 5.33 5.01
N THR D 41 0.53 5.12 3.69
CA THR D 41 1.63 5.18 2.73
C THR D 41 1.52 6.47 1.89
N TYR D 42 2.59 7.25 1.82
CA TYR D 42 2.54 8.58 1.24
C TYR D 42 3.91 9.04 0.78
N GLN D 43 3.91 10.15 0.05
CA GLN D 43 5.11 10.87 -0.31
C GLN D 43 4.97 12.28 0.23
N ILE D 44 6.07 12.93 0.60
CA ILE D 44 6.01 14.40 0.84
C ILE D 44 6.01 15.08 -0.52
N MET D 45 5.35 16.23 -0.66
CA MET D 45 5.34 16.89 -1.95
C MET D 45 6.25 18.14 -1.99
N ARG D 46 7.05 18.26 -3.04
CA ARG D 46 7.89 19.46 -3.23
C ARG D 46 7.02 20.69 -3.42
N PRO D 47 7.21 21.75 -2.59
CA PRO D 47 6.39 22.94 -2.82
C PRO D 47 6.64 23.56 -4.20
N GLU D 48 5.64 24.25 -4.72
CA GLU D 48 5.74 24.98 -5.98
C GLU D 48 6.09 26.39 -5.62
ZN ZN E . -20.39 -16.19 -7.32
S SO4 F . -0.70 -7.51 -0.95
O1 SO4 F . -0.99 -6.46 0.00
O2 SO4 F . -1.81 -7.73 -1.87
O3 SO4 F . 0.44 -7.02 -1.72
O4 SO4 F . -0.16 -8.74 -0.32
S SO4 G . -5.10 -26.62 -1.45
O1 SO4 G . -6.04 -26.40 -2.59
O2 SO4 G . -5.70 -27.45 -0.36
O3 SO4 G . -3.83 -27.23 -1.92
O4 SO4 G . -4.78 -25.31 -0.89
C1 PEG H . -2.78 -12.04 -34.26
O1 PEG H . -2.62 -12.13 -35.69
C2 PEG H . -1.90 -13.06 -33.52
O2 PEG H . -1.22 -12.44 -32.43
C3 PEG H . -0.52 -13.33 -31.55
C4 PEG H . 0.93 -12.88 -31.51
O4 PEG H . 1.81 -13.88 -31.00
CAM 15Z I . -7.58 -2.72 -13.62
CAL 15Z I . -8.61 -1.79 -13.84
OAT 15Z I . -9.45 -1.86 -14.88
CAP 15Z I . -8.83 -0.76 -12.95
OAS 15Z I . -9.88 0.06 -13.22
CAO 15Z I . -8.02 -0.61 -11.85
CAN 15Z I . -7.00 -1.52 -11.61
CAK 15Z I . -6.76 -2.59 -12.49
CAJ 15Z I . -5.69 -3.47 -12.19
OAG 15Z I . -4.87 -3.01 -11.21
CAF 15Z I . -3.76 -3.68 -10.83
CAA 15Z I . -2.95 -3.07 -9.89
CAB 15Z I . -1.79 -3.71 -9.47
OAR 15Z I . -1.00 -3.09 -8.51
CAC 15Z I . -1.46 -4.93 -10.07
CAD 15Z I . -2.30 -5.54 -11.04
CAE 15Z I . -3.48 -4.91 -11.43
CAH 15Z I . -4.36 -5.46 -12.40
OAQ 15Z I . -4.23 -6.62 -12.85
CAI 15Z I . -5.48 -4.73 -12.75
C1 GOL J . 11.05 -7.63 0.32
O1 GOL J . 11.07 -6.30 -0.15
C2 GOL J . 12.21 -7.78 1.31
O2 GOL J . 11.76 -8.44 2.49
C3 GOL J . 13.29 -8.61 0.68
O3 GOL J . 14.40 -7.77 0.41
ZN ZN K . 14.46 8.35 -1.99
S SO4 L . 10.28 21.43 15.60
O1 SO4 L . 9.67 22.59 14.96
O2 SO4 L . 9.33 20.44 16.07
O3 SO4 L . 11.10 20.74 14.58
O4 SO4 L . 11.21 21.75 16.64
C1 GOL M . 7.56 21.82 7.06
O1 GOL M . 7.02 20.50 7.06
C2 GOL M . 8.88 21.93 6.28
O2 GOL M . 8.80 22.71 5.09
C3 GOL M . 9.89 22.53 7.24
O3 GOL M . 9.69 23.93 7.21
CAM 15Z N . 10.04 6.26 17.04
CAL 15Z N . 11.04 5.31 17.26
OAT 15Z N . 10.99 4.01 16.79
CAP 15Z N . 12.18 5.62 18.00
OAS 15Z N . 13.10 4.63 18.14
CAO 15Z N . 12.33 6.89 18.53
CAN 15Z N . 11.32 7.83 18.32
CAK 15Z N . 10.17 7.53 17.57
CAJ 15Z N . 9.20 8.55 17.43
OAG 15Z N . 9.52 9.64 18.20
CAF 15Z N . 8.65 10.69 18.30
CAA 15Z N . 8.96 11.77 19.14
CAB 15Z N . 8.07 12.85 19.23
OAR 15Z N . 8.34 13.92 20.02
CAC 15Z N . 6.87 12.83 18.51
CAD 15Z N . 6.59 11.76 17.67
CAE 15Z N . 7.46 10.68 17.51
CAH 15Z N . 7.15 9.57 16.68
OAQ 15Z N . 6.18 9.57 15.91
CAI 15Z N . 8.02 8.48 16.69
S SO4 O . 2.58 23.68 -2.31
O1 SO4 O . 3.63 24.33 -1.52
O2 SO4 O . 1.24 23.99 -1.76
O3 SO4 O . 2.82 24.24 -3.66
O4 SO4 O . 2.68 22.18 -2.26
C1 PEG P . -10.36 -6.20 15.11
O1 PEG P . -10.01 -7.57 14.95
C2 PEG P . -9.14 -5.34 14.80
O2 PEG P . -9.48 -4.06 14.26
C3 PEG P . -10.29 -3.24 15.11
C4 PEG P . -10.01 -1.78 14.82
O4 PEG P . -10.81 -0.96 15.69
#